data_3IEW
#
_entry.id   3IEW
#
_cell.length_a   117.703
_cell.length_b   67.548
_cell.length_c   60.152
_cell.angle_alpha   90.00
_cell.angle_beta   95.85
_cell.angle_gamma   90.00
#
_symmetry.space_group_name_H-M   'C 1 2 1'
#
loop_
_entity.id
_entity.type
_entity.pdbx_description
1 polymer '2-C-methyl-D-erythritol 2,4-cyclodiphosphate synthase'
2 non-polymer 'ZINC ION'
3 non-polymer "CYTIDINE-5'-DIPHOSPHATE"
4 non-polymer "CYTIDINE-5'-TRIPHOSPHATE"
5 non-polymer GLYCEROL
6 water water
#
_entity_poly.entity_id   1
_entity_poly.type   'polypeptide(L)'
_entity_poly.pdbx_seq_one_letter_code
;MAHHHHHHMGTLEAQTQGPGSMDFRIGQGYDVHQLVPGRPLIIGGVTIPYERGLLGHSDADVLLHAITDALFGAAALGDI
GRHFSDTDPRFKGADSRALLRECASRVAQAGFAIRNVDSTIIAQAPKLAPHIDAMRANIAADLDLPLDRVNVKAKTNEKL
GYLGRGEGIEAQAAALVVREAAA
;
_entity_poly.pdbx_strand_id   A,B,C
#
loop_
_chem_comp.id
_chem_comp.type
_chem_comp.name
_chem_comp.formula
CDP non-polymer CYTIDINE-5'-DIPHOSPHATE 'C9 H15 N3 O11 P2'
CTP non-polymer CYTIDINE-5'-TRIPHOSPHATE 'C9 H16 N3 O14 P3'
GOL non-polymer GLYCEROL 'C3 H8 O3'
ZN non-polymer 'ZINC ION' 'Zn 2'
#
# COMPACT_ATOMS: atom_id res chain seq x y z
N SER A 21 -6.40 3.13 -23.94
CA SER A 21 -5.40 2.49 -24.84
C SER A 21 -4.02 2.46 -24.17
N MET A 22 -3.50 3.66 -23.88
CA MET A 22 -2.38 3.85 -22.98
C MET A 22 -2.83 4.73 -21.80
N ASP A 23 -4.14 4.81 -21.56
CA ASP A 23 -4.66 5.60 -20.45
C ASP A 23 -4.73 4.72 -19.18
N PHE A 24 -3.57 4.39 -18.63
CA PHE A 24 -3.46 3.49 -17.48
C PHE A 24 -3.71 4.26 -16.19
N ARG A 25 -4.21 3.55 -15.18
CA ARG A 25 -4.48 4.14 -13.86
C ARG A 25 -4.17 3.11 -12.79
N ILE A 26 -3.64 3.56 -11.65
CA ILE A 26 -3.44 2.66 -10.52
C ILE A 26 -4.38 2.99 -9.35
N GLY A 27 -4.67 1.95 -8.57
CA GLY A 27 -5.46 2.05 -7.38
C GLY A 27 -4.85 1.18 -6.30
N GLN A 28 -5.14 1.51 -5.05
CA GLN A 28 -4.67 0.74 -3.92
C GLN A 28 -5.79 0.67 -2.88
N GLY A 29 -5.72 -0.36 -2.06
CA GLY A 29 -6.74 -0.60 -1.06
C GLY A 29 -6.22 -1.24 0.20
N TYR A 30 -6.96 -1.01 1.28
CA TYR A 30 -6.61 -1.47 2.60
C TYR A 30 -7.86 -1.89 3.32
N ASP A 31 -7.82 -3.02 4.01
CA ASP A 31 -8.90 -3.35 4.93
C ASP A 31 -8.36 -4.14 6.13
N VAL A 32 -9.07 -4.06 7.25
CA VAL A 32 -8.81 -4.91 8.41
C VAL A 32 -10.14 -5.27 9.07
N HIS A 33 -10.20 -6.43 9.70
CA HIS A 33 -11.35 -6.88 10.47
C HIS A 33 -10.90 -7.65 11.70
N GLN A 34 -11.67 -7.53 12.78
CA GLN A 34 -11.38 -8.28 14.00
C GLN A 34 -11.65 -9.75 13.74
N LEU A 35 -10.85 -10.59 14.38
CA LEU A 35 -11.04 -12.03 14.34
C LEU A 35 -11.77 -12.43 15.64
N VAL A 36 -12.97 -13.01 15.54
CA VAL A 36 -13.79 -13.31 16.72
C VAL A 36 -14.36 -14.71 16.70
N PRO A 37 -14.82 -15.21 17.88
CA PRO A 37 -15.44 -16.53 17.86
C PRO A 37 -16.85 -16.45 17.27
N GLY A 38 -17.31 -17.56 16.69
CA GLY A 38 -18.70 -17.65 16.24
C GLY A 38 -19.03 -16.99 14.91
N ARG A 39 -18.01 -16.65 14.13
CA ARG A 39 -18.23 -16.15 12.76
C ARG A 39 -17.46 -17.05 11.80
N PRO A 40 -17.98 -17.21 10.57
CA PRO A 40 -17.22 -17.96 9.57
C PRO A 40 -15.97 -17.18 9.10
N LEU A 41 -14.87 -17.89 8.87
CA LEU A 41 -13.67 -17.28 8.31
C LEU A 41 -13.75 -17.34 6.78
N ILE A 42 -14.06 -16.20 6.17
CA ILE A 42 -14.17 -16.08 4.72
C ILE A 42 -13.17 -15.03 4.20
N ILE A 43 -12.17 -15.51 3.45
CA ILE A 43 -11.16 -14.63 2.84
C ILE A 43 -11.01 -15.05 1.38
N GLY A 44 -11.09 -14.06 0.48
CA GLY A 44 -11.05 -14.31 -0.95
C GLY A 44 -12.19 -15.18 -1.40
N GLY A 45 -13.31 -15.07 -0.71
CA GLY A 45 -14.47 -15.90 -0.99
C GLY A 45 -14.34 -17.37 -0.59
N VAL A 46 -13.20 -17.75 0.00
CA VAL A 46 -13.00 -19.13 0.51
C VAL A 46 -13.35 -19.22 2.00
N THR A 47 -14.20 -20.20 2.34
CA THR A 47 -14.56 -20.45 3.74
C THR A 47 -13.45 -21.33 4.32
N ILE A 48 -12.72 -20.78 5.28
CA ILE A 48 -11.55 -21.47 5.83
C ILE A 48 -11.92 -22.13 7.17
N PRO A 49 -11.65 -23.45 7.31
CA PRO A 49 -11.98 -24.08 8.60
C PRO A 49 -11.19 -23.42 9.71
N TYR A 50 -11.89 -22.81 10.67
CA TYR A 50 -11.23 -22.13 11.75
C TYR A 50 -12.19 -21.87 12.88
N GLU A 51 -11.67 -21.92 14.09
CA GLU A 51 -12.45 -21.73 15.31
C GLU A 51 -12.88 -20.24 15.50
N ARG A 52 -12.27 -19.33 14.73
CA ARG A 52 -12.72 -17.94 14.70
C ARG A 52 -12.99 -17.46 13.26
N GLY A 53 -13.66 -16.31 13.14
CA GLY A 53 -13.90 -15.70 11.83
C GLY A 53 -13.93 -14.19 11.92
N LEU A 54 -14.08 -13.53 10.77
CA LEU A 54 -13.95 -12.08 10.69
C LEU A 54 -15.26 -11.38 11.02
N LEU A 55 -15.18 -10.33 11.82
CA LEU A 55 -16.37 -9.56 12.22
C LEU A 55 -16.57 -8.33 11.34
N GLY A 56 -17.76 -8.21 10.74
CA GLY A 56 -18.13 -7.03 9.98
C GLY A 56 -19.61 -7.07 9.65
N HIS A 57 -20.10 -6.03 8.97
CA HIS A 57 -21.52 -5.93 8.58
C HIS A 57 -21.88 -6.94 7.46
N SER A 58 -21.04 -6.97 6.42
CA SER A 58 -21.12 -8.01 5.38
C SER A 58 -20.42 -9.29 5.89
N ASP A 59 -20.10 -10.21 4.99
CA ASP A 59 -19.36 -11.43 5.38
C ASP A 59 -17.92 -11.12 5.84
N ALA A 60 -17.53 -9.83 5.83
CA ALA A 60 -16.25 -9.39 6.39
C ALA A 60 -15.01 -9.89 5.62
N ASP A 61 -15.17 -10.14 4.31
CA ASP A 61 -14.06 -10.67 3.50
C ASP A 61 -13.05 -9.56 3.31
N VAL A 62 -12.04 -9.55 4.17
CA VAL A 62 -11.08 -8.46 4.21
C VAL A 62 -10.31 -8.33 2.90
N LEU A 63 -9.99 -9.46 2.28
CA LEU A 63 -9.21 -9.43 1.04
C LEU A 63 -10.02 -8.84 -0.08
N LEU A 64 -11.26 -9.28 -0.25
CA LEU A 64 -12.09 -8.78 -1.34
C LEU A 64 -12.42 -7.28 -1.18
N HIS A 65 -12.62 -6.83 0.06
CA HIS A 65 -12.90 -5.42 0.28
C HIS A 65 -11.71 -4.53 -0.12
N ALA A 66 -10.51 -4.98 0.22
CA ALA A 66 -9.29 -4.31 -0.15
C ALA A 66 -9.17 -4.24 -1.70
N ILE A 67 -9.47 -5.34 -2.38
CA ILE A 67 -9.38 -5.36 -3.87
C ILE A 67 -10.49 -4.45 -4.49
N THR A 68 -11.67 -4.48 -3.88
CA THR A 68 -12.78 -3.64 -4.29
C THR A 68 -12.43 -2.15 -4.17
N ASP A 69 -11.84 -1.76 -3.04
CA ASP A 69 -11.40 -0.38 -2.84
C ASP A 69 -10.33 0.01 -3.86
N ALA A 70 -9.41 -0.89 -4.12
CA ALA A 70 -8.35 -0.61 -5.08
C ALA A 70 -8.94 -0.35 -6.47
N LEU A 71 -9.95 -1.13 -6.85
CA LEU A 71 -10.56 -0.98 -8.16
C LEU A 71 -11.34 0.34 -8.30
N PHE A 72 -12.21 0.63 -7.35
CA PHE A 72 -12.89 1.93 -7.32
C PHE A 72 -11.85 3.07 -7.33
N GLY A 73 -10.76 2.88 -6.59
CA GLY A 73 -9.69 3.86 -6.50
C GLY A 73 -9.02 4.14 -7.84
N ALA A 74 -8.74 3.08 -8.60
CA ALA A 74 -8.10 3.22 -9.91
C ALA A 74 -8.99 3.99 -10.87
N ALA A 75 -10.29 3.74 -10.77
CA ALA A 75 -11.31 4.36 -11.63
C ALA A 75 -11.79 5.73 -11.11
N ALA A 76 -11.25 6.17 -9.97
CA ALA A 76 -11.68 7.42 -9.31
C ALA A 76 -13.17 7.44 -9.08
N LEU A 77 -13.69 6.38 -8.47
CA LEU A 77 -15.12 6.26 -8.21
C LEU A 77 -15.42 6.29 -6.70
N GLY A 78 -14.47 6.82 -5.92
CA GLY A 78 -14.61 6.90 -4.48
C GLY A 78 -14.15 5.62 -3.79
N ASP A 79 -14.95 5.15 -2.82
CA ASP A 79 -14.59 3.96 -2.04
C ASP A 79 -15.79 3.06 -1.80
N ILE A 80 -15.53 1.93 -1.12
CA ILE A 80 -16.51 0.88 -0.98
C ILE A 80 -17.73 1.38 -0.19
N GLY A 81 -17.51 2.21 0.83
CA GLY A 81 -18.59 2.87 1.58
C GLY A 81 -19.50 3.74 0.74
N ARG A 82 -18.95 4.50 -0.21
CA ARG A 82 -19.79 5.30 -1.10
C ARG A 82 -20.79 4.42 -1.90
N HIS A 83 -20.34 3.24 -2.31
CA HIS A 83 -21.12 2.39 -3.22
C HIS A 83 -22.06 1.41 -2.52
N PHE A 84 -21.60 0.85 -1.41
CA PHE A 84 -22.27 -0.20 -0.68
C PHE A 84 -22.21 0.11 0.83
N SER A 85 -22.97 1.11 1.26
CA SER A 85 -22.84 1.68 2.60
C SER A 85 -23.26 0.73 3.75
N ASP A 86 -22.40 0.60 4.77
CA ASP A 86 -22.71 -0.23 5.97
C ASP A 86 -23.92 0.29 6.80
N THR A 87 -24.37 1.50 6.50
CA THR A 87 -25.64 2.03 7.03
C THR A 87 -26.88 1.45 6.33
N ASP A 88 -26.68 0.76 5.20
CA ASP A 88 -27.78 0.10 4.46
C ASP A 88 -27.94 -1.37 4.92
N PRO A 89 -29.15 -1.75 5.42
CA PRO A 89 -29.38 -3.11 5.91
C PRO A 89 -29.31 -4.24 4.86
N ARG A 90 -29.42 -3.92 3.57
CA ARG A 90 -29.43 -4.96 2.53
C ARG A 90 -28.09 -5.69 2.40
N PHE A 91 -27.01 -5.02 2.78
CA PHE A 91 -25.67 -5.61 2.75
C PHE A 91 -25.31 -6.32 4.07
N LYS A 92 -26.31 -6.56 4.92
CA LYS A 92 -26.09 -7.32 6.16
C LYS A 92 -25.79 -8.74 5.77
N GLY A 93 -24.62 -9.23 6.17
CA GLY A 93 -24.14 -10.55 5.75
C GLY A 93 -23.94 -10.66 4.23
N ALA A 94 -23.82 -9.53 3.53
CA ALA A 94 -23.65 -9.52 2.07
C ALA A 94 -22.47 -10.37 1.59
N ASP A 95 -22.69 -11.05 0.47
CA ASP A 95 -21.65 -11.80 -0.20
C ASP A 95 -20.68 -10.79 -0.84
N SER A 96 -19.48 -10.69 -0.30
CA SER A 96 -18.46 -9.76 -0.82
C SER A 96 -18.02 -10.07 -2.25
N ARG A 97 -18.25 -11.31 -2.70
CA ARG A 97 -18.04 -11.62 -4.12
C ARG A 97 -19.05 -10.93 -5.02
N ALA A 98 -20.32 -10.91 -4.63
CA ALA A 98 -21.32 -10.17 -5.39
C ALA A 98 -20.97 -8.69 -5.40
N LEU A 99 -20.46 -8.20 -4.30
CA LEU A 99 -20.02 -6.81 -4.21
C LEU A 99 -18.83 -6.53 -5.14
N LEU A 100 -17.86 -7.44 -5.17
CA LEU A 100 -16.73 -7.30 -6.09
C LEU A 100 -17.19 -7.29 -7.55
N ARG A 101 -18.10 -8.20 -7.89
CA ARG A 101 -18.67 -8.25 -9.21
C ARG A 101 -19.43 -6.95 -9.59
N GLU A 102 -20.16 -6.35 -8.67
CA GLU A 102 -20.85 -5.07 -8.98
C GLU A 102 -19.80 -3.95 -9.15
N CYS A 103 -18.78 -3.97 -8.32
CA CYS A 103 -17.68 -3.03 -8.43
C CYS A 103 -17.03 -3.09 -9.82
N ALA A 104 -16.67 -4.29 -10.25
CA ALA A 104 -16.08 -4.47 -11.57
C ALA A 104 -17.02 -3.99 -12.69
N SER A 105 -18.31 -4.25 -12.53
CA SER A 105 -19.31 -3.77 -13.48
C SER A 105 -19.36 -2.22 -13.55
N ARG A 106 -19.28 -1.55 -12.41
CA ARG A 106 -19.26 -0.07 -12.39
C ARG A 106 -17.95 0.48 -12.96
N VAL A 107 -16.85 -0.19 -12.67
CA VAL A 107 -15.54 0.12 -13.26
C VAL A 107 -15.58 -0.02 -14.78
N ALA A 108 -16.19 -1.09 -15.28
CA ALA A 108 -16.33 -1.26 -16.72
C ALA A 108 -17.28 -0.20 -17.28
N GLN A 109 -18.31 0.18 -16.52
CA GLN A 109 -19.28 1.19 -16.98
C GLN A 109 -18.66 2.61 -17.03
N ALA A 110 -17.71 2.86 -16.15
CA ALA A 110 -16.91 4.09 -16.21
C ALA A 110 -15.92 4.10 -17.38
N GLY A 111 -15.72 2.94 -18.02
CA GLY A 111 -14.89 2.81 -19.22
C GLY A 111 -13.57 2.08 -19.05
N PHE A 112 -13.35 1.42 -17.90
CA PHE A 112 -12.05 0.85 -17.61
C PHE A 112 -12.08 -0.68 -17.78
N ALA A 113 -11.00 -1.20 -18.37
CA ALA A 113 -10.74 -2.63 -18.35
C ALA A 113 -9.68 -2.85 -17.25
N ILE A 114 -9.78 -3.98 -16.55
CA ILE A 114 -8.82 -4.27 -15.50
C ILE A 114 -7.68 -5.06 -16.13
N ARG A 115 -6.44 -4.71 -15.82
CA ARG A 115 -5.27 -5.42 -16.33
C ARG A 115 -4.67 -6.39 -15.34
N ASN A 116 -4.53 -5.99 -14.08
CA ASN A 116 -4.08 -6.95 -13.06
C ASN A 116 -4.41 -6.52 -11.66
N VAL A 117 -4.37 -7.50 -10.76
CA VAL A 117 -4.57 -7.28 -9.33
C VAL A 117 -3.51 -8.05 -8.58
N ASP A 118 -2.89 -7.37 -7.62
CA ASP A 118 -2.00 -8.00 -6.67
C ASP A 118 -2.47 -7.66 -5.25
N SER A 119 -2.14 -8.53 -4.32
CA SER A 119 -2.62 -8.39 -2.95
C SER A 119 -1.78 -9.16 -1.94
N THR A 120 -1.95 -8.75 -0.67
CA THR A 120 -1.32 -9.40 0.48
C THR A 120 -2.35 -9.54 1.62
N ILE A 121 -2.38 -10.71 2.24
CA ILE A 121 -3.13 -10.93 3.47
C ILE A 121 -2.12 -11.05 4.58
N ILE A 122 -2.37 -10.36 5.68
CA ILE A 122 -1.54 -10.53 6.85
C ILE A 122 -2.35 -11.14 7.98
N ALA A 123 -1.91 -12.31 8.42
CA ALA A 123 -2.60 -13.07 9.46
C ALA A 123 -1.60 -13.99 10.18
N GLN A 124 -1.64 -14.00 11.51
CA GLN A 124 -0.83 -14.93 12.33
C GLN A 124 -1.23 -16.37 12.02
N ALA A 125 -2.54 -16.59 11.93
CA ALA A 125 -3.10 -17.91 11.65
C ALA A 125 -4.51 -17.72 11.10
N PRO A 126 -5.06 -18.75 10.43
CA PRO A 126 -4.43 -20.06 10.17
C PRO A 126 -3.47 -19.98 8.99
N LYS A 127 -2.86 -21.11 8.64
CA LYS A 127 -2.03 -21.19 7.43
C LYS A 127 -2.94 -20.95 6.24
N LEU A 128 -2.57 -20.00 5.37
CA LEU A 128 -3.42 -19.63 4.22
C LEU A 128 -2.98 -20.27 2.90
N ALA A 129 -1.76 -20.79 2.87
CA ALA A 129 -1.19 -21.40 1.67
C ALA A 129 -2.13 -22.40 0.99
N PRO A 130 -2.71 -23.34 1.76
CA PRO A 130 -3.58 -24.32 1.11
C PRO A 130 -4.89 -23.75 0.50
N HIS A 131 -5.18 -22.47 0.75
CA HIS A 131 -6.40 -21.82 0.23
C HIS A 131 -6.15 -20.71 -0.78
N ILE A 132 -4.88 -20.31 -0.95
CA ILE A 132 -4.52 -19.17 -1.77
C ILE A 132 -4.91 -19.32 -3.25
N ASP A 133 -4.64 -20.49 -3.83
CA ASP A 133 -4.95 -20.69 -5.25
C ASP A 133 -6.46 -20.54 -5.48
N ALA A 134 -7.23 -21.04 -4.53
CA ALA A 134 -8.70 -20.96 -4.61
C ALA A 134 -9.19 -19.50 -4.50
N MET A 135 -8.53 -18.70 -3.66
CA MET A 135 -8.84 -17.28 -3.54
C MET A 135 -8.62 -16.57 -4.86
N ARG A 136 -7.45 -16.84 -5.43
CA ARG A 136 -7.05 -16.26 -6.70
C ARG A 136 -8.05 -16.60 -7.80
N ALA A 137 -8.48 -17.86 -7.83
CA ALA A 137 -9.49 -18.32 -8.80
C ALA A 137 -10.84 -17.60 -8.65
N ASN A 138 -11.27 -17.36 -7.43
CA ASN A 138 -12.53 -16.64 -7.20
C ASN A 138 -12.47 -15.22 -7.71
N ILE A 139 -11.35 -14.55 -7.41
CA ILE A 139 -11.15 -13.16 -7.78
C ILE A 139 -11.06 -13.06 -9.30
N ALA A 140 -10.31 -13.96 -9.92
CA ALA A 140 -10.19 -14.01 -11.39
C ALA A 140 -11.56 -14.19 -12.02
N ALA A 141 -12.36 -15.08 -11.47
CA ALA A 141 -13.71 -15.31 -11.97
C ALA A 141 -14.58 -14.03 -11.86
N ASP A 142 -14.54 -13.36 -10.71
CA ASP A 142 -15.38 -12.18 -10.48
C ASP A 142 -14.96 -10.96 -11.28
N LEU A 143 -13.68 -10.89 -11.63
CA LEU A 143 -13.17 -9.79 -12.43
C LEU A 143 -13.11 -10.15 -13.92
N ASP A 144 -13.57 -11.35 -14.26
CA ASP A 144 -13.47 -11.88 -15.63
C ASP A 144 -12.05 -11.74 -16.15
N LEU A 145 -11.09 -12.26 -15.39
CA LEU A 145 -9.68 -12.22 -15.78
C LEU A 145 -9.13 -13.63 -15.82
N PRO A 146 -8.05 -13.85 -16.60
CA PRO A 146 -7.32 -15.10 -16.48
C PRO A 146 -6.55 -15.15 -15.16
N LEU A 147 -6.25 -16.36 -14.71
CA LEU A 147 -5.49 -16.58 -13.49
C LEU A 147 -4.15 -15.82 -13.43
N ASP A 148 -3.47 -15.74 -14.57
CA ASP A 148 -2.14 -15.11 -14.62
C ASP A 148 -2.15 -13.57 -14.52
N ARG A 149 -3.32 -12.96 -14.33
CA ARG A 149 -3.40 -11.54 -14.00
C ARG A 149 -3.95 -11.27 -12.58
N VAL A 150 -3.94 -12.27 -11.70
CA VAL A 150 -4.39 -12.09 -10.31
C VAL A 150 -3.42 -12.77 -9.40
N ASN A 151 -2.99 -12.05 -8.35
CA ASN A 151 -2.04 -12.60 -7.39
C ASN A 151 -2.49 -12.32 -5.97
N VAL A 152 -2.34 -13.33 -5.11
CA VAL A 152 -2.61 -13.21 -3.68
C VAL A 152 -1.41 -13.72 -2.90
N LYS A 153 -0.93 -12.90 -1.98
CA LYS A 153 0.22 -13.20 -1.14
C LYS A 153 -0.25 -13.24 0.32
N ALA A 154 0.45 -14.02 1.12
CA ALA A 154 0.14 -14.17 2.54
C ALA A 154 1.39 -13.92 3.38
N LYS A 155 1.24 -13.15 4.45
CA LYS A 155 2.32 -12.84 5.38
C LYS A 155 1.83 -13.03 6.82
N THR A 156 2.70 -13.53 7.71
CA THR A 156 2.51 -13.35 9.14
C THR A 156 2.97 -11.93 9.41
N ASN A 157 2.73 -11.42 10.61
CA ASN A 157 3.28 -10.11 11.00
C ASN A 157 4.48 -10.24 11.96
N GLU A 158 5.18 -11.37 11.86
CA GLU A 158 6.32 -11.68 12.75
C GLU A 158 6.00 -11.49 14.25
N LYS A 159 4.81 -11.88 14.66
CA LYS A 159 4.40 -11.86 16.07
C LYS A 159 4.23 -10.46 16.66
N LEU A 160 4.17 -9.44 15.80
CA LEU A 160 4.09 -8.05 16.24
C LEU A 160 2.68 -7.49 16.17
N GLY A 161 2.28 -6.81 17.25
CA GLY A 161 1.06 -6.01 17.26
C GLY A 161 -0.21 -6.84 17.32
N TYR A 162 -1.35 -6.16 17.15
CA TYR A 162 -2.64 -6.85 17.15
C TYR A 162 -2.76 -7.92 16.06
N LEU A 163 -2.06 -7.72 14.94
CA LEU A 163 -2.01 -8.74 13.90
C LEU A 163 -1.25 -9.93 14.44
N GLY A 164 -0.11 -9.65 15.09
CA GLY A 164 0.73 -10.67 15.68
C GLY A 164 0.08 -11.44 16.82
N ARG A 165 -0.82 -10.78 17.54
CA ARG A 165 -1.56 -11.44 18.62
C ARG A 165 -2.80 -12.19 18.13
N GLY A 166 -3.10 -12.06 16.84
CA GLY A 166 -4.25 -12.75 16.25
C GLY A 166 -5.59 -12.07 16.51
N GLU A 167 -5.58 -10.75 16.67
CA GLU A 167 -6.80 -10.00 16.98
C GLU A 167 -7.55 -9.55 15.73
N GLY A 168 -6.86 -9.57 14.59
CA GLY A 168 -7.50 -9.30 13.33
C GLY A 168 -6.67 -9.82 12.17
N ILE A 169 -7.22 -9.66 10.97
CA ILE A 169 -6.51 -9.95 9.74
C ILE A 169 -6.62 -8.70 8.85
N GLU A 170 -5.52 -8.35 8.18
CA GLU A 170 -5.45 -7.18 7.33
C GLU A 170 -5.26 -7.66 5.91
N ALA A 171 -5.71 -6.87 4.94
CA ALA A 171 -5.39 -7.13 3.55
C ALA A 171 -5.05 -5.82 2.85
N GLN A 172 -4.16 -5.93 1.87
CA GLN A 172 -3.74 -4.81 1.04
C GLN A 172 -3.90 -5.26 -0.40
N ALA A 173 -4.15 -4.32 -1.29
CA ALA A 173 -4.37 -4.61 -2.70
C ALA A 173 -3.85 -3.47 -3.58
N ALA A 174 -3.46 -3.87 -4.79
CA ALA A 174 -3.06 -2.95 -5.83
C ALA A 174 -3.75 -3.42 -7.10
N ALA A 175 -4.26 -2.47 -7.89
CA ALA A 175 -4.90 -2.78 -9.15
C ALA A 175 -4.45 -1.83 -10.24
N LEU A 176 -4.25 -2.37 -11.44
CA LEU A 176 -3.95 -1.58 -12.63
C LEU A 176 -5.08 -1.75 -13.62
N VAL A 177 -5.61 -0.64 -14.12
CA VAL A 177 -6.68 -0.65 -15.09
C VAL A 177 -6.27 0.25 -16.26
N VAL A 178 -7.06 0.22 -17.33
CA VAL A 178 -6.81 1.06 -18.49
C VAL A 178 -8.18 1.55 -19.03
N ARG A 179 -8.33 2.87 -19.22
CA ARG A 179 -9.57 3.45 -19.78
C ARG A 179 -9.62 3.11 -21.27
N GLU A 180 -10.58 2.29 -21.65
CA GLU A 180 -10.82 1.90 -23.05
C GLU A 180 -11.88 2.84 -23.64
N MET B 22 5.22 3.10 -23.85
CA MET B 22 5.44 4.30 -22.99
C MET B 22 6.15 3.97 -21.66
N ASP B 23 6.81 4.99 -21.10
CA ASP B 23 7.69 4.81 -19.94
C ASP B 23 6.96 5.18 -18.64
N PHE B 24 6.05 4.30 -18.23
CA PHE B 24 5.28 4.52 -17.02
C PHE B 24 6.10 4.14 -15.79
N ARG B 25 5.82 4.79 -14.67
CA ARG B 25 6.47 4.49 -13.38
C ARG B 25 5.42 4.58 -12.28
N ILE B 26 5.60 3.75 -11.26
CA ILE B 26 4.73 3.80 -10.09
C ILE B 26 5.45 4.26 -8.82
N GLY B 27 4.72 4.96 -7.96
CA GLY B 27 5.19 5.36 -6.64
C GLY B 27 4.16 5.13 -5.55
N GLN B 28 4.64 4.93 -4.34
CA GLN B 28 3.78 4.68 -3.20
C GLN B 28 4.24 5.52 -2.02
N GLY B 29 3.30 5.89 -1.16
CA GLY B 29 3.56 6.83 -0.07
C GLY B 29 2.86 6.41 1.20
N TYR B 30 3.49 6.74 2.34
CA TYR B 30 2.94 6.44 3.65
C TYR B 30 3.17 7.61 4.59
N ASP B 31 2.26 7.80 5.52
CA ASP B 31 2.49 8.75 6.60
C ASP B 31 1.56 8.45 7.74
N VAL B 32 1.91 8.96 8.92
CA VAL B 32 1.11 8.83 10.11
C VAL B 32 1.43 10.02 11.00
N HIS B 33 0.43 10.49 11.73
CA HIS B 33 0.62 11.57 12.70
C HIS B 33 -0.25 11.31 13.91
N GLN B 34 0.28 11.73 15.04
CA GLN B 34 -0.40 11.61 16.32
C GLN B 34 -1.60 12.56 16.36
N LEU B 35 -2.68 12.09 16.96
CA LEU B 35 -3.92 12.84 17.06
C LEU B 35 -4.07 13.39 18.51
N VAL B 36 -3.99 14.71 18.67
CA VAL B 36 -4.12 15.31 20.03
C VAL B 36 -4.84 16.66 20.07
N PRO B 37 -5.36 17.03 21.27
CA PRO B 37 -6.00 18.34 21.37
C PRO B 37 -5.03 19.49 21.18
N GLY B 38 -5.56 20.64 20.79
CA GLY B 38 -4.77 21.85 20.72
C GLY B 38 -4.18 22.08 19.35
N ARG B 39 -4.46 21.15 18.42
CA ARG B 39 -4.16 21.36 17.02
C ARG B 39 -5.44 21.18 16.20
N PRO B 40 -5.54 21.89 15.07
CA PRO B 40 -6.66 21.68 14.15
C PRO B 40 -6.44 20.45 13.26
N LEU B 41 -7.52 19.80 12.84
CA LEU B 41 -7.43 18.62 11.99
C LEU B 41 -7.43 19.04 10.54
N ILE B 42 -6.26 18.93 9.89
CA ILE B 42 -6.12 19.30 8.49
C ILE B 42 -5.70 18.08 7.68
N ILE B 43 -6.63 17.58 6.85
CA ILE B 43 -6.36 16.44 5.98
C ILE B 43 -6.72 16.81 4.55
N GLY B 44 -5.84 16.52 3.61
CA GLY B 44 -6.02 16.89 2.21
C GLY B 44 -6.30 18.36 1.99
N GLY B 45 -5.65 19.21 2.81
CA GLY B 45 -5.80 20.67 2.73
C GLY B 45 -7.11 21.21 3.31
N VAL B 46 -7.85 20.37 4.00
CA VAL B 46 -9.18 20.71 4.49
C VAL B 46 -9.18 20.66 5.99
N THR B 47 -9.65 21.72 6.63
CA THR B 47 -9.76 21.75 8.09
C THR B 47 -11.09 21.13 8.49
N ILE B 48 -11.03 20.13 9.36
CA ILE B 48 -12.19 19.33 9.67
C ILE B 48 -12.60 19.53 11.11
N PRO B 49 -13.90 19.82 11.34
CA PRO B 49 -14.37 20.10 12.69
C PRO B 49 -14.08 18.92 13.59
N TYR B 50 -13.19 19.13 14.55
CA TYR B 50 -12.86 18.06 15.48
C TYR B 50 -12.20 18.63 16.72
N GLU B 51 -12.33 17.90 17.80
CA GLU B 51 -11.89 18.35 19.11
C GLU B 51 -10.36 18.29 19.19
N ARG B 52 -9.79 17.44 18.33
CA ARG B 52 -8.35 17.20 18.26
C ARG B 52 -7.81 17.43 16.86
N GLY B 53 -6.49 17.47 16.73
CA GLY B 53 -5.81 17.56 15.43
C GLY B 53 -4.49 16.80 15.42
N LEU B 54 -3.75 16.94 14.33
CA LEU B 54 -2.52 16.16 14.12
C LEU B 54 -1.27 16.98 14.45
N LEU B 55 -0.28 16.33 15.08
CA LEU B 55 0.98 16.98 15.48
C LEU B 55 2.08 16.73 14.45
N ASP B 59 1.39 22.01 9.05
CA ASP B 59 0.00 21.59 9.26
C ASP B 59 -0.16 20.09 9.63
N ALA B 60 0.87 19.27 9.37
CA ALA B 60 0.80 17.83 9.67
C ALA B 60 -0.23 17.08 8.80
N ASP B 61 -0.36 17.51 7.54
CA ASP B 61 -1.35 16.97 6.63
C ASP B 61 -0.92 15.59 6.13
N VAL B 62 -1.34 14.56 6.87
CA VAL B 62 -0.88 13.18 6.62
C VAL B 62 -1.23 12.72 5.21
N LEU B 63 -2.40 13.13 4.68
CA LEU B 63 -2.78 12.76 3.32
C LEU B 63 -1.86 13.36 2.26
N LEU B 64 -1.58 14.65 2.35
CA LEU B 64 -0.73 15.30 1.32
C LEU B 64 0.75 14.85 1.41
N HIS B 65 1.21 14.57 2.62
CA HIS B 65 2.57 13.98 2.79
C HIS B 65 2.72 12.63 2.07
N ALA B 66 1.74 11.74 2.30
CA ALA B 66 1.70 10.45 1.62
C ALA B 66 1.76 10.60 0.09
N ILE B 67 0.92 11.46 -0.45
CA ILE B 67 0.87 11.68 -1.90
C ILE B 67 2.18 12.25 -2.44
N THR B 68 2.72 13.25 -1.74
CA THR B 68 4.00 13.87 -2.12
C THR B 68 5.07 12.79 -2.23
N ASP B 69 5.14 11.93 -1.22
CA ASP B 69 6.11 10.85 -1.20
C ASP B 69 5.90 9.90 -2.35
N ALA B 70 4.64 9.54 -2.61
CA ALA B 70 4.29 8.72 -3.77
C ALA B 70 4.79 9.30 -5.10
N LEU B 71 4.66 10.61 -5.28
CA LEU B 71 5.14 11.28 -6.52
C LEU B 71 6.67 11.34 -6.69
N PHE B 72 7.38 11.71 -5.63
CA PHE B 72 8.84 11.62 -5.62
C PHE B 72 9.31 10.18 -5.87
N GLY B 73 8.59 9.23 -5.29
CA GLY B 73 8.87 7.81 -5.48
C GLY B 73 8.79 7.40 -6.94
N ALA B 74 7.73 7.85 -7.62
CA ALA B 74 7.49 7.46 -9.01
C ALA B 74 8.56 8.04 -9.95
N ALA B 75 9.00 9.25 -9.62
CA ALA B 75 10.04 9.95 -10.36
C ALA B 75 11.45 9.49 -9.92
N ALA B 76 11.52 8.74 -8.82
CA ALA B 76 12.79 8.24 -8.26
C ALA B 76 13.69 9.40 -7.78
N LEU B 77 13.09 10.35 -7.07
CA LEU B 77 13.79 11.54 -6.55
C LEU B 77 13.97 11.51 -5.03
N GLY B 78 14.02 10.32 -4.45
CA GLY B 78 14.16 10.17 -3.01
C GLY B 78 12.83 10.30 -2.29
N ASP B 79 12.77 11.23 -1.33
CA ASP B 79 11.57 11.39 -0.51
C ASP B 79 11.37 12.82 -0.01
N ILE B 80 10.21 13.06 0.61
CA ILE B 80 9.83 14.40 1.02
C ILE B 80 10.86 15.05 1.99
N GLY B 81 11.38 14.27 2.95
CA GLY B 81 12.40 14.77 3.88
C GLY B 81 13.68 15.26 3.19
N ARG B 82 14.05 14.57 2.11
CA ARG B 82 15.24 14.90 1.35
C ARG B 82 15.09 16.19 0.57
N HIS B 83 13.87 16.47 0.10
CA HIS B 83 13.60 17.69 -0.65
C HIS B 83 13.31 18.88 0.27
N PHE B 84 12.56 18.65 1.36
CA PHE B 84 12.09 19.74 2.22
C PHE B 84 12.50 19.54 3.69
N SER B 85 13.65 20.09 4.08
CA SER B 85 14.13 19.98 5.47
C SER B 85 13.39 20.96 6.38
N PHE B 91 11.11 26.95 2.90
CA PHE B 91 10.06 26.03 3.32
C PHE B 91 9.75 26.11 4.82
N LYS B 92 10.37 27.06 5.52
CA LYS B 92 10.20 27.20 6.98
C LYS B 92 8.74 27.38 7.39
N GLY B 93 8.01 28.21 6.65
CA GLY B 93 6.57 28.43 6.89
C GLY B 93 5.68 27.96 5.75
N ALA B 94 6.01 26.81 5.17
CA ALA B 94 5.27 26.27 4.04
C ALA B 94 4.30 25.21 4.52
N ASP B 95 3.03 25.32 4.12
CA ASP B 95 2.05 24.29 4.42
C ASP B 95 2.20 23.14 3.40
N SER B 96 1.51 22.05 3.66
CA SER B 96 1.70 20.83 2.88
C SER B 96 1.22 20.96 1.45
N ARG B 97 0.29 21.87 1.21
CA ARG B 97 -0.15 22.15 -0.16
C ARG B 97 0.93 22.81 -0.99
N ALA B 98 1.69 23.71 -0.38
CA ALA B 98 2.81 24.35 -1.08
C ALA B 98 3.89 23.32 -1.36
N LEU B 99 4.13 22.47 -0.38
CA LEU B 99 5.09 21.40 -0.54
C LEU B 99 4.62 20.50 -1.66
N LEU B 100 3.33 20.14 -1.67
CA LEU B 100 2.78 19.33 -2.75
C LEU B 100 2.98 20.00 -4.11
N ARG B 101 2.61 21.28 -4.21
CA ARG B 101 2.84 22.02 -5.46
C ARG B 101 4.30 22.05 -5.88
N GLU B 102 5.21 22.25 -4.93
CA GLU B 102 6.63 22.28 -5.27
C GLU B 102 7.08 20.87 -5.71
N CYS B 103 6.54 19.84 -5.06
CA CYS B 103 6.77 18.44 -5.48
C CYS B 103 6.43 18.19 -6.95
N ALA B 104 5.22 18.58 -7.34
CA ALA B 104 4.71 18.44 -8.73
C ALA B 104 5.61 19.11 -9.76
N SER B 105 6.09 20.31 -9.44
CA SER B 105 7.02 21.04 -10.33
C SER B 105 8.34 20.29 -10.55
N ARG B 106 8.85 19.70 -9.48
CA ARG B 106 10.09 18.90 -9.54
C ARG B 106 9.89 17.62 -10.35
N VAL B 107 8.72 16.99 -10.19
CA VAL B 107 8.38 15.81 -10.96
C VAL B 107 8.31 16.15 -12.45
N ALA B 108 7.66 17.26 -12.77
CA ALA B 108 7.58 17.73 -14.17
C ALA B 108 8.96 17.98 -14.79
N GLN B 109 9.86 18.60 -14.02
CA GLN B 109 11.20 18.95 -14.49
C GLN B 109 11.99 17.69 -14.88
N ALA B 110 11.73 16.57 -14.20
CA ALA B 110 12.42 15.31 -14.50
C ALA B 110 11.89 14.58 -15.73
N GLY B 111 10.86 15.14 -16.37
CA GLY B 111 10.30 14.55 -17.59
C GLY B 111 8.97 13.83 -17.44
N PHE B 112 8.44 13.77 -16.21
CA PHE B 112 7.25 12.95 -15.92
C PHE B 112 5.97 13.77 -15.84
N ALA B 113 4.95 13.31 -16.54
CA ALA B 113 3.58 13.84 -16.40
C ALA B 113 2.81 12.91 -15.46
N ILE B 114 2.00 13.48 -14.58
CA ILE B 114 1.22 12.68 -13.65
C ILE B 114 -0.01 12.13 -14.33
N ARG B 115 -0.31 10.84 -14.12
CA ARG B 115 -1.46 10.21 -14.74
C ARG B 115 -2.63 10.02 -13.78
N ASN B 116 -2.37 9.55 -12.55
CA ASN B 116 -3.40 9.54 -11.51
C ASN B 116 -2.82 9.33 -10.13
N VAL B 117 -3.63 9.65 -9.12
CA VAL B 117 -3.35 9.43 -7.72
C VAL B 117 -4.54 8.74 -7.08
N ASP B 118 -4.27 7.75 -6.24
CA ASP B 118 -5.28 7.16 -5.37
C ASP B 118 -4.73 7.11 -3.95
N SER B 119 -5.63 7.11 -2.98
CA SER B 119 -5.22 7.18 -1.59
C SER B 119 -6.25 6.62 -0.61
N THR B 120 -5.78 6.28 0.58
CA THR B 120 -6.65 5.90 1.68
C THR B 120 -6.24 6.63 2.97
N ILE B 121 -7.23 7.17 3.66
CA ILE B 121 -7.04 7.71 5.01
C ILE B 121 -7.60 6.68 5.97
N ILE B 122 -6.82 6.30 6.97
CA ILE B 122 -7.28 5.42 8.01
C ILE B 122 -7.43 6.24 9.27
N ALA B 123 -8.68 6.45 9.67
CA ALA B 123 -9.01 7.27 10.82
C ALA B 123 -10.25 6.65 11.44
N GLN B 124 -10.17 6.32 12.73
CA GLN B 124 -11.31 5.73 13.42
C GLN B 124 -12.42 6.78 13.47
N ALA B 125 -12.03 8.04 13.64
CA ALA B 125 -12.96 9.18 13.62
C ALA B 125 -12.17 10.43 13.31
N PRO B 126 -12.84 11.52 12.90
CA PRO B 126 -14.28 11.68 12.65
C PRO B 126 -14.69 11.10 11.30
N LYS B 127 -15.95 11.33 10.90
CA LYS B 127 -16.44 10.97 9.55
C LYS B 127 -15.75 11.85 8.51
N LEU B 128 -15.24 11.21 7.46
CA LEU B 128 -14.47 11.91 6.44
C LEU B 128 -15.19 12.01 5.10
N ALA B 129 -16.16 11.12 4.85
CA ALA B 129 -16.92 11.08 3.60
C ALA B 129 -17.42 12.46 3.14
N PRO B 130 -17.96 13.28 4.07
CA PRO B 130 -18.42 14.61 3.66
C PRO B 130 -17.32 15.51 3.10
N HIS B 131 -16.06 15.21 3.44
CA HIS B 131 -14.96 16.11 3.07
C HIS B 131 -14.16 15.67 1.86
N ILE B 132 -14.56 14.56 1.26
CA ILE B 132 -13.71 13.90 0.24
C ILE B 132 -13.62 14.71 -1.03
N ASP B 133 -14.76 15.19 -1.53
CA ASP B 133 -14.71 16.05 -2.73
C ASP B 133 -13.83 17.29 -2.53
N ALA B 134 -13.81 17.86 -1.33
CA ALA B 134 -12.96 19.04 -1.07
C ALA B 134 -11.47 18.67 -1.17
N MET B 135 -11.12 17.54 -0.57
CA MET B 135 -9.75 17.07 -0.59
C MET B 135 -9.28 16.82 -2.00
N ARG B 136 -10.11 16.16 -2.80
CA ARG B 136 -9.78 15.85 -4.20
C ARG B 136 -9.62 17.10 -5.03
N ALA B 137 -10.44 18.11 -4.75
CA ALA B 137 -10.35 19.38 -5.46
C ALA B 137 -9.03 20.09 -5.11
N ASN B 138 -8.63 20.04 -3.85
CA ASN B 138 -7.33 20.64 -3.43
C ASN B 138 -6.20 19.94 -4.15
N ILE B 139 -6.19 18.60 -4.10
CA ILE B 139 -5.11 17.81 -4.67
C ILE B 139 -5.05 18.01 -6.17
N ALA B 140 -6.19 17.90 -6.84
CA ALA B 140 -6.22 18.06 -8.29
C ALA B 140 -5.74 19.44 -8.73
N ALA B 141 -6.12 20.48 -7.99
CA ALA B 141 -5.61 21.85 -8.21
C ALA B 141 -4.09 21.87 -8.10
N ASP B 142 -3.58 21.39 -6.96
CA ASP B 142 -2.14 21.37 -6.68
C ASP B 142 -1.32 20.54 -7.65
N LEU B 143 -1.89 19.44 -8.15
CA LEU B 143 -1.18 18.65 -9.19
C LEU B 143 -1.52 19.07 -10.63
N ASP B 144 -2.38 20.06 -10.82
CA ASP B 144 -2.86 20.43 -12.17
C ASP B 144 -3.44 19.21 -12.92
N LEU B 145 -4.34 18.50 -12.26
CA LEU B 145 -4.97 17.29 -12.84
C LEU B 145 -6.48 17.48 -13.01
N PRO B 146 -7.06 16.89 -14.07
CA PRO B 146 -8.50 16.69 -14.09
C PRO B 146 -8.96 15.96 -12.82
N LEU B 147 -10.07 16.41 -12.24
CA LEU B 147 -10.62 15.82 -11.03
C LEU B 147 -10.74 14.27 -11.09
N ASP B 148 -11.05 13.72 -12.27
CA ASP B 148 -11.24 12.26 -12.43
C ASP B 148 -9.95 11.40 -12.46
N ARG B 149 -8.82 12.02 -12.13
CA ARG B 149 -7.56 11.33 -11.98
C ARG B 149 -7.06 11.37 -10.55
N VAL B 150 -7.87 11.88 -9.64
CA VAL B 150 -7.54 11.95 -8.23
C VAL B 150 -8.60 11.28 -7.41
N ASN B 151 -8.21 10.34 -6.55
CA ASN B 151 -9.16 9.67 -5.68
C ASN B 151 -8.65 9.61 -4.25
N VAL B 152 -9.57 9.80 -3.33
CA VAL B 152 -9.30 9.63 -1.93
C VAL B 152 -10.37 8.75 -1.33
N LYS B 153 -9.95 7.80 -0.50
CA LYS B 153 -10.85 6.83 0.15
C LYS B 153 -10.64 6.92 1.66
N ALA B 154 -11.59 6.44 2.45
CA ALA B 154 -11.49 6.50 3.94
C ALA B 154 -11.80 5.16 4.60
N LYS B 155 -11.09 4.83 5.68
CA LYS B 155 -11.32 3.58 6.42
C LYS B 155 -11.16 3.75 7.93
N THR B 156 -11.87 2.95 8.72
CA THR B 156 -11.63 2.92 10.15
C THR B 156 -10.62 1.80 10.36
N ASN B 157 -10.17 1.60 11.59
CA ASN B 157 -9.29 0.47 11.87
C ASN B 157 -9.96 -0.55 12.78
N GLU B 158 -11.29 -0.55 12.76
CA GLU B 158 -12.09 -1.52 13.50
C GLU B 158 -11.72 -1.57 14.97
N LYS B 159 -11.39 -0.42 15.55
CA LYS B 159 -10.99 -0.35 16.95
C LYS B 159 -9.68 -1.08 17.29
N LEU B 160 -8.87 -1.41 16.27
CA LEU B 160 -7.64 -2.14 16.53
C LEU B 160 -6.48 -1.16 16.55
N GLY B 161 -5.56 -1.36 17.50
CA GLY B 161 -4.32 -0.61 17.58
C GLY B 161 -4.51 0.87 17.86
N TYR B 162 -3.41 1.60 17.77
CA TYR B 162 -3.38 3.03 18.05
C TYR B 162 -4.30 3.82 17.12
N LEU B 163 -4.47 3.34 15.89
CA LEU B 163 -5.37 3.97 14.92
C LEU B 163 -6.82 3.80 15.36
N GLY B 164 -7.17 2.56 15.71
CA GLY B 164 -8.51 2.23 16.16
C GLY B 164 -8.87 2.80 17.54
N ARG B 165 -7.87 3.25 18.29
CA ARG B 165 -8.10 3.91 19.58
C ARG B 165 -8.10 5.42 19.45
N GLY B 166 -8.02 5.95 18.22
CA GLY B 166 -8.04 7.40 17.99
C GLY B 166 -6.76 8.13 18.38
N GLU B 167 -5.66 7.40 18.53
CA GLU B 167 -4.39 8.03 18.94
C GLU B 167 -3.56 8.55 17.77
N GLY B 168 -3.95 8.19 16.55
CA GLY B 168 -3.28 8.70 15.36
C GLY B 168 -4.12 8.43 14.12
N ILE B 169 -3.65 8.94 12.99
CA ILE B 169 -4.31 8.76 11.71
C ILE B 169 -3.23 8.44 10.69
N GLU B 170 -3.55 7.55 9.76
CA GLU B 170 -2.60 7.13 8.73
C GLU B 170 -3.14 7.49 7.36
N ALA B 171 -2.24 7.76 6.43
CA ALA B 171 -2.58 7.86 5.01
C ALA B 171 -1.70 6.95 4.15
N GLN B 172 -2.30 6.38 3.10
CA GLN B 172 -1.57 5.66 2.07
C GLN B 172 -1.82 6.28 0.71
N ALA B 173 -0.82 6.27 -0.18
CA ALA B 173 -1.00 6.78 -1.54
C ALA B 173 -0.23 5.97 -2.61
N ALA B 174 -0.81 5.96 -3.80
CA ALA B 174 -0.22 5.43 -5.00
C ALA B 174 -0.32 6.48 -6.11
N ALA B 175 0.75 6.61 -6.91
CA ALA B 175 0.74 7.48 -8.06
C ALA B 175 1.33 6.78 -9.29
N LEU B 176 0.72 7.05 -10.43
CA LEU B 176 1.27 6.60 -11.70
C LEU B 176 1.69 7.82 -12.50
N VAL B 177 2.89 7.75 -13.07
CA VAL B 177 3.43 8.81 -13.90
C VAL B 177 3.98 8.22 -15.18
N VAL B 178 4.16 9.08 -16.18
CA VAL B 178 4.77 8.69 -17.45
C VAL B 178 5.82 9.73 -17.88
N ARG B 179 6.98 9.23 -18.34
CA ARG B 179 8.00 10.08 -18.97
C ARG B 179 8.08 9.78 -20.46
N MET C 22 3.05 -2.79 -23.88
CA MET C 22 1.58 -2.61 -23.68
C MET C 22 1.06 -3.35 -22.44
N ASP C 23 1.66 -4.50 -22.13
CA ASP C 23 1.13 -5.37 -21.08
C ASP C 23 1.76 -5.08 -19.72
N PHE C 24 1.38 -3.94 -19.16
CA PHE C 24 1.87 -3.54 -17.85
C PHE C 24 1.15 -4.28 -16.73
N ARG C 25 1.86 -4.54 -15.63
CA ARG C 25 1.32 -5.13 -14.40
C ARG C 25 1.93 -4.38 -13.22
N ILE C 26 1.15 -4.22 -12.14
CA ILE C 26 1.71 -3.74 -10.87
C ILE C 26 1.74 -4.78 -9.77
N GLY C 27 2.65 -4.59 -8.83
CA GLY C 27 2.82 -5.46 -7.68
C GLY C 27 3.08 -4.60 -6.45
N GLN C 28 2.70 -5.12 -5.29
CA GLN C 28 2.88 -4.42 -4.03
C GLN C 28 3.41 -5.40 -3.02
N GLY C 29 4.27 -4.93 -2.13
CA GLY C 29 4.96 -5.77 -1.20
C GLY C 29 4.94 -5.17 0.18
N TYR C 30 4.89 -6.04 1.18
CA TYR C 30 4.93 -5.67 2.58
C TYR C 30 5.78 -6.68 3.34
N ASP C 31 6.64 -6.19 4.23
CA ASP C 31 7.29 -7.06 5.21
C ASP C 31 7.53 -6.30 6.51
N VAL C 32 7.64 -7.04 7.61
CA VAL C 32 8.08 -6.48 8.87
C VAL C 32 8.97 -7.53 9.57
N HIS C 33 9.94 -7.08 10.35
CA HIS C 33 10.78 -7.97 11.16
C HIS C 33 11.05 -7.36 12.53
N GLN C 34 11.23 -8.23 13.52
CA GLN C 34 11.55 -7.77 14.88
C GLN C 34 13.00 -7.28 14.99
N LEU C 35 13.20 -6.24 15.80
CA LEU C 35 14.53 -5.80 16.23
C LEU C 35 14.96 -6.55 17.51
N VAL C 36 16.05 -7.30 17.43
CA VAL C 36 16.52 -8.13 18.54
C VAL C 36 18.00 -7.86 18.89
N PRO C 37 18.46 -8.32 20.08
CA PRO C 37 19.88 -8.20 20.46
C PRO C 37 20.79 -9.11 19.65
N GLY C 38 22.06 -8.71 19.55
CA GLY C 38 23.12 -9.56 19.02
C GLY C 38 22.92 -9.89 17.55
N ARG C 39 22.34 -8.95 16.83
CA ARG C 39 22.10 -9.09 15.41
C ARG C 39 22.47 -7.79 14.70
N PRO C 40 23.14 -7.90 13.55
CA PRO C 40 23.43 -6.70 12.79
C PRO C 40 22.15 -6.18 12.08
N LEU C 41 22.07 -4.87 11.93
CA LEU C 41 20.98 -4.24 11.19
C LEU C 41 21.35 -4.13 9.71
N ILE C 42 20.73 -4.97 8.87
CA ILE C 42 20.98 -4.95 7.43
C ILE C 42 19.72 -4.55 6.66
N ILE C 43 19.72 -3.35 6.08
CA ILE C 43 18.57 -2.85 5.30
C ILE C 43 19.01 -2.45 3.90
N GLY C 44 18.31 -2.95 2.89
CA GLY C 44 18.65 -2.72 1.49
C GLY C 44 20.08 -3.14 1.17
N GLY C 45 20.55 -4.19 1.81
CA GLY C 45 21.92 -4.67 1.62
C GLY C 45 22.98 -3.85 2.33
N VAL C 46 22.60 -2.79 3.05
CA VAL C 46 23.55 -1.94 3.78
C VAL C 46 23.56 -2.27 5.29
N THR C 47 24.74 -2.59 5.81
CA THR C 47 24.91 -2.80 7.24
C THR C 47 24.96 -1.45 7.95
N ILE C 48 24.14 -1.30 8.99
CA ILE C 48 24.02 -0.04 9.69
C ILE C 48 24.36 -0.25 11.17
N PRO C 49 25.26 0.60 11.72
CA PRO C 49 25.57 0.54 13.16
C PRO C 49 24.33 0.79 14.00
N TYR C 50 24.01 -0.15 14.88
CA TYR C 50 22.80 -0.06 15.70
C TYR C 50 22.86 -1.13 16.79
N GLU C 51 22.27 -0.84 17.96
CA GLU C 51 22.35 -1.75 19.12
C GLU C 51 21.48 -3.02 18.98
N ARG C 52 20.70 -3.09 17.90
CA ARG C 52 19.92 -4.29 17.58
C ARG C 52 19.90 -4.52 16.07
N GLY C 53 19.37 -5.68 15.67
CA GLY C 53 19.19 -6.01 14.26
C GLY C 53 17.94 -6.83 14.02
N LEU C 54 17.63 -7.06 12.76
CA LEU C 54 16.38 -7.71 12.39
C LEU C 54 16.43 -9.22 12.56
N LEU C 55 15.37 -9.78 13.15
CA LEU C 55 15.24 -11.21 13.39
C LEU C 55 14.56 -11.88 12.19
N GLY C 56 15.13 -12.98 11.74
CA GLY C 56 14.59 -13.71 10.60
C GLY C 56 15.44 -14.90 10.22
N HIS C 57 14.88 -15.79 9.39
CA HIS C 57 15.59 -17.00 8.96
C HIS C 57 16.69 -16.74 7.91
N SER C 58 16.79 -15.49 7.48
CA SER C 58 17.83 -15.04 6.54
C SER C 58 18.66 -13.96 7.25
N ASP C 59 19.26 -13.04 6.49
CA ASP C 59 19.71 -11.77 7.06
C ASP C 59 18.52 -10.85 7.41
N ALA C 60 17.29 -11.30 7.14
CA ALA C 60 16.10 -10.58 7.54
C ALA C 60 16.05 -9.14 6.98
N ASP C 61 16.54 -8.95 5.75
CA ASP C 61 16.51 -7.64 5.10
C ASP C 61 15.08 -7.30 4.69
N VAL C 62 14.40 -6.55 5.56
CA VAL C 62 12.98 -6.25 5.43
C VAL C 62 12.66 -5.52 4.12
N LEU C 63 13.51 -4.58 3.73
CA LEU C 63 13.28 -3.83 2.47
C LEU C 63 13.37 -4.74 1.24
N LEU C 64 14.39 -5.61 1.20
CA LEU C 64 14.57 -6.47 0.05
C LEU C 64 13.48 -7.57 -0.03
N HIS C 65 12.96 -7.99 1.11
CA HIS C 65 11.79 -8.90 1.13
C HIS C 65 10.53 -8.22 0.56
N ALA C 66 10.30 -6.97 0.93
CA ALA C 66 9.11 -6.27 0.41
C ALA C 66 9.21 -6.09 -1.10
N ILE C 67 10.38 -5.68 -1.58
CA ILE C 67 10.56 -5.52 -3.03
C ILE C 67 10.43 -6.87 -3.72
N THR C 68 10.94 -7.93 -3.10
CA THR C 68 10.86 -9.25 -3.70
C THR C 68 9.40 -9.71 -3.89
N ASP C 69 8.59 -9.56 -2.84
CA ASP C 69 7.15 -9.85 -2.92
C ASP C 69 6.41 -8.98 -3.94
N ALA C 70 6.74 -7.70 -4.01
CA ALA C 70 6.11 -6.83 -4.99
C ALA C 70 6.42 -7.27 -6.44
N LEU C 71 7.63 -7.77 -6.69
CA LEU C 71 8.00 -8.26 -8.02
C LEU C 71 7.30 -9.57 -8.34
N PHE C 72 7.28 -10.50 -7.40
CA PHE C 72 6.52 -11.75 -7.61
C PHE C 72 5.02 -11.41 -7.79
N GLY C 73 4.54 -10.43 -7.03
CA GLY C 73 3.15 -10.02 -7.14
C GLY C 73 2.80 -9.51 -8.50
N ALA C 74 3.65 -8.65 -9.02
CA ALA C 74 3.43 -8.05 -10.35
C ALA C 74 3.48 -9.08 -11.49
N ALA C 75 4.27 -10.14 -11.33
CA ALA C 75 4.37 -11.19 -12.35
C ALA C 75 3.39 -12.31 -12.07
N ALA C 76 2.58 -12.16 -11.02
CA ALA C 76 1.62 -13.19 -10.64
C ALA C 76 2.28 -14.54 -10.37
N LEU C 77 3.42 -14.53 -9.69
CA LEU C 77 4.14 -15.76 -9.34
C LEU C 77 3.97 -16.22 -7.88
N GLY C 78 2.94 -15.71 -7.17
CA GLY C 78 2.73 -16.04 -5.76
C GLY C 78 3.47 -15.08 -4.82
N ASP C 79 4.24 -15.62 -3.87
CA ASP C 79 4.97 -14.79 -2.91
C ASP C 79 6.32 -15.41 -2.50
N ILE C 80 7.10 -14.71 -1.69
CA ILE C 80 8.46 -15.17 -1.33
C ILE C 80 8.45 -16.56 -0.72
N GLY C 81 7.50 -16.82 0.18
CA GLY C 81 7.43 -18.10 0.90
C GLY C 81 7.11 -19.30 0.03
N ARG C 82 6.38 -19.06 -1.05
CA ARG C 82 6.15 -20.08 -2.07
C ARG C 82 7.43 -20.42 -2.84
N HIS C 83 8.39 -19.48 -2.87
CA HIS C 83 9.61 -19.64 -3.66
C HIS C 83 10.81 -20.01 -2.80
N PHE C 84 10.91 -19.42 -1.60
CA PHE C 84 12.10 -19.55 -0.76
C PHE C 84 11.72 -19.88 0.69
N ASP C 95 21.58 -15.24 1.65
CA ASP C 95 21.24 -13.87 2.06
C ASP C 95 20.21 -13.25 1.12
N SER C 96 19.67 -12.10 1.50
CA SER C 96 18.49 -11.54 0.84
C SER C 96 18.74 -10.96 -0.54
N ARG C 97 19.99 -10.58 -0.83
CA ARG C 97 20.34 -10.07 -2.15
C ARG C 97 20.33 -11.21 -3.17
N ALA C 98 20.83 -12.37 -2.75
CA ALA C 98 20.83 -13.58 -3.57
C ALA C 98 19.38 -13.95 -3.89
N LEU C 99 18.53 -13.92 -2.88
CA LEU C 99 17.10 -14.15 -3.08
C LEU C 99 16.46 -13.12 -4.02
N LEU C 100 16.83 -11.84 -3.89
CA LEU C 100 16.28 -10.80 -4.77
C LEU C 100 16.77 -11.02 -6.19
N ARG C 101 18.03 -11.41 -6.32
CA ARG C 101 18.57 -11.75 -7.65
C ARG C 101 17.84 -12.94 -8.27
N GLU C 102 17.54 -13.94 -7.46
CA GLU C 102 16.78 -15.11 -7.92
C GLU C 102 15.37 -14.69 -8.33
N CYS C 103 14.73 -13.87 -7.50
CA CYS C 103 13.41 -13.29 -7.85
C CYS C 103 13.47 -12.66 -9.23
N ALA C 104 14.45 -11.80 -9.44
CA ALA C 104 14.65 -11.15 -10.76
C ALA C 104 14.74 -12.17 -11.89
N SER C 105 15.44 -13.26 -11.63
CA SER C 105 15.57 -14.31 -12.60
C SER C 105 14.23 -14.95 -12.94
N ARG C 106 13.44 -15.24 -11.92
CA ARG C 106 12.13 -15.89 -12.13
C ARG C 106 11.11 -14.97 -12.78
N VAL C 107 11.22 -13.68 -12.52
CA VAL C 107 10.35 -12.71 -13.19
C VAL C 107 10.68 -12.65 -14.68
N ALA C 108 11.96 -12.65 -15.01
CA ALA C 108 12.39 -12.77 -16.43
C ALA C 108 12.00 -14.13 -17.02
N GLN C 109 12.18 -15.22 -16.27
CA GLN C 109 11.73 -16.56 -16.69
C GLN C 109 10.26 -16.55 -17.11
N ALA C 110 9.43 -15.77 -16.40
CA ALA C 110 7.98 -15.69 -16.70
C ALA C 110 7.65 -14.72 -17.85
N GLY C 111 8.65 -14.02 -18.37
CA GLY C 111 8.47 -13.17 -19.56
C GLY C 111 8.31 -11.69 -19.28
N PHE C 112 8.70 -11.27 -18.07
CA PHE C 112 8.53 -9.88 -17.66
C PHE C 112 9.87 -9.17 -17.53
N ALA C 113 9.87 -7.88 -17.83
CA ALA C 113 10.99 -7.00 -17.56
C ALA C 113 10.55 -5.93 -16.56
N ILE C 114 11.45 -5.53 -15.67
CA ILE C 114 11.10 -4.65 -14.56
C ILE C 114 11.22 -3.21 -15.03
N ARG C 115 10.15 -2.43 -14.85
CA ARG C 115 10.20 -1.03 -15.26
C ARG C 115 10.66 -0.12 -14.13
N ASN C 116 10.04 -0.24 -12.96
CA ASN C 116 10.53 0.53 -11.82
C ASN C 116 10.15 -0.09 -10.48
N VAL C 117 10.88 0.29 -9.44
CA VAL C 117 10.59 -0.08 -8.06
C VAL C 117 10.62 1.16 -7.17
N ASP C 118 9.69 1.25 -6.24
CA ASP C 118 9.66 2.30 -5.23
C ASP C 118 9.33 1.64 -3.89
N SER C 119 9.78 2.25 -2.81
CA SER C 119 9.59 1.64 -1.51
C SER C 119 9.70 2.64 -0.38
N THR C 120 9.19 2.24 0.78
CA THR C 120 9.32 3.01 2.02
C THR C 120 9.77 2.11 3.16
N ILE C 121 10.75 2.58 3.93
CA ILE C 121 11.19 1.89 5.14
C ILE C 121 10.61 2.66 6.33
N ILE C 122 9.88 1.96 7.20
CA ILE C 122 9.36 2.61 8.41
C ILE C 122 10.20 2.16 9.58
N ALA C 123 11.03 3.07 10.08
CA ALA C 123 11.88 2.77 11.23
C ALA C 123 11.98 4.01 12.10
N GLN C 124 11.68 3.84 13.39
CA GLN C 124 11.80 4.96 14.31
C GLN C 124 13.26 5.39 14.39
N ALA C 125 14.14 4.40 14.48
CA ALA C 125 15.59 4.64 14.54
C ALA C 125 16.32 3.45 13.90
N PRO C 126 17.55 3.65 13.42
CA PRO C 126 18.33 4.87 13.42
C PRO C 126 17.99 5.69 12.20
N LYS C 127 18.64 6.84 12.02
CA LYS C 127 18.40 7.62 10.80
C LYS C 127 18.94 6.85 9.61
N LEU C 128 18.21 6.87 8.50
CA LEU C 128 18.52 6.05 7.33
C LEU C 128 18.93 6.83 6.09
N ALA C 129 18.63 8.13 6.07
CA ALA C 129 18.90 9.00 4.92
C ALA C 129 20.32 8.95 4.34
N PRO C 130 21.35 8.80 5.21
CA PRO C 130 22.73 8.67 4.69
C PRO C 130 23.08 7.33 4.05
N HIS C 131 22.22 6.32 4.21
CA HIS C 131 22.46 4.99 3.65
C HIS C 131 21.59 4.68 2.43
N ILE C 132 20.71 5.62 2.09
CA ILE C 132 19.67 5.36 1.10
C ILE C 132 20.17 5.16 -0.33
N ASP C 133 21.02 6.06 -0.82
CA ASP C 133 21.59 5.92 -2.17
C ASP C 133 22.34 4.61 -2.33
N ALA C 134 23.01 4.18 -1.28
CA ALA C 134 23.69 2.89 -1.25
C ALA C 134 22.71 1.72 -1.42
N MET C 135 21.60 1.75 -0.66
CA MET C 135 20.52 0.76 -0.79
C MET C 135 20.00 0.68 -2.21
N ARG C 136 19.70 1.84 -2.75
CA ARG C 136 19.29 2.03 -4.14
C ARG C 136 20.28 1.43 -5.14
N ALA C 137 21.57 1.70 -4.91
CA ALA C 137 22.62 1.18 -5.80
C ALA C 137 22.61 -0.34 -5.69
N ASN C 138 22.50 -0.84 -4.46
CA ASN C 138 22.44 -2.27 -4.25
C ASN C 138 21.28 -2.90 -5.03
N ILE C 139 20.09 -2.31 -4.87
CA ILE C 139 18.88 -2.84 -5.51
C ILE C 139 18.97 -2.77 -7.03
N ALA C 140 19.43 -1.63 -7.55
CA ALA C 140 19.63 -1.43 -8.99
C ALA C 140 20.54 -2.50 -9.58
N ALA C 141 21.66 -2.78 -8.91
CA ALA C 141 22.60 -3.82 -9.35
C ALA C 141 21.91 -5.20 -9.37
N ASP C 142 21.27 -5.53 -8.25
CA ASP C 142 20.57 -6.81 -8.08
C ASP C 142 19.51 -7.05 -9.14
N LEU C 143 18.80 -6.01 -9.57
CA LEU C 143 17.74 -6.14 -10.58
C LEU C 143 18.19 -5.78 -12.00
N ASP C 144 19.46 -5.47 -12.18
CA ASP C 144 20.01 -5.06 -13.48
C ASP C 144 19.20 -3.90 -14.04
N LEU C 145 19.04 -2.88 -13.20
CA LEU C 145 18.30 -1.66 -13.53
C LEU C 145 19.20 -0.48 -13.31
N PRO C 146 18.98 0.59 -14.09
CA PRO C 146 19.69 1.82 -13.82
C PRO C 146 19.14 2.48 -12.57
N LEU C 147 19.97 3.32 -11.94
CA LEU C 147 19.64 4.00 -10.70
C LEU C 147 18.30 4.71 -10.75
N ASP C 148 18.01 5.36 -11.86
CA ASP C 148 16.85 6.25 -11.93
C ASP C 148 15.51 5.50 -11.98
N ARG C 149 15.54 4.17 -11.95
CA ARG C 149 14.32 3.37 -11.94
C ARG C 149 14.07 2.69 -10.59
N VAL C 150 14.95 2.94 -9.62
CA VAL C 150 14.84 2.39 -8.28
C VAL C 150 14.76 3.53 -7.28
N ASN C 151 13.83 3.43 -6.33
CA ASN C 151 13.73 4.43 -5.28
C ASN C 151 13.46 3.83 -3.90
N VAL C 152 14.09 4.43 -2.90
CA VAL C 152 13.89 4.04 -1.52
C VAL C 152 13.66 5.29 -0.64
N LYS C 153 12.62 5.23 0.20
CA LYS C 153 12.22 6.34 1.07
C LYS C 153 12.13 5.86 2.50
N ALA C 154 12.23 6.78 3.47
CA ALA C 154 12.22 6.39 4.89
C ALA C 154 11.23 7.23 5.68
N LYS C 155 10.63 6.62 6.71
CA LYS C 155 9.68 7.32 7.59
C LYS C 155 9.83 6.81 9.01
N THR C 156 9.68 7.69 10.00
CA THR C 156 9.48 7.24 11.37
C THR C 156 8.01 6.87 11.52
N ASN C 157 7.63 6.31 12.65
CA ASN C 157 6.23 6.05 12.92
C ASN C 157 5.68 6.95 14.04
N GLU C 158 6.31 8.10 14.26
CA GLU C 158 5.88 9.09 15.29
C GLU C 158 5.65 8.47 16.68
N LYS C 159 6.52 7.54 17.04
CA LYS C 159 6.47 6.85 18.34
C LYS C 159 5.20 6.04 18.59
N LEU C 160 4.48 5.69 17.54
CA LEU C 160 3.22 4.97 17.66
C LEU C 160 3.44 3.50 17.43
N GLY C 161 2.81 2.66 18.24
CA GLY C 161 2.84 1.22 18.04
C GLY C 161 4.22 0.56 18.15
N TYR C 162 4.28 -0.71 17.79
CA TYR C 162 5.55 -1.46 17.87
C TYR C 162 6.69 -0.81 17.04
N LEU C 163 6.36 -0.25 15.89
CA LEU C 163 7.35 0.47 15.09
C LEU C 163 7.87 1.66 15.88
N GLY C 164 6.97 2.41 16.49
CA GLY C 164 7.33 3.64 17.19
C GLY C 164 8.13 3.44 18.47
N ARG C 165 7.99 2.28 19.10
CA ARG C 165 8.83 1.90 20.24
C ARG C 165 10.09 1.13 19.82
N GLY C 166 10.36 1.04 18.52
CA GLY C 166 11.58 0.42 18.00
C GLY C 166 11.62 -1.08 18.20
N GLU C 167 10.47 -1.74 18.13
CA GLU C 167 10.39 -3.18 18.37
C GLU C 167 10.49 -3.97 17.06
N GLY C 168 10.28 -3.27 15.95
CA GLY C 168 10.42 -3.85 14.63
C GLY C 168 10.62 -2.78 13.56
N ILE C 169 10.85 -3.21 12.33
CA ILE C 169 10.95 -2.28 11.17
C ILE C 169 10.08 -2.82 10.04
N GLU C 170 9.36 -1.93 9.38
CA GLU C 170 8.47 -2.31 8.30
C GLU C 170 9.05 -1.81 6.98
N ALA C 171 8.74 -2.51 5.89
CA ALA C 171 9.01 -2.01 4.53
C ALA C 171 7.80 -2.22 3.64
N GLN C 172 7.52 -1.25 2.80
CA GLN C 172 6.48 -1.32 1.79
C GLN C 172 7.11 -1.16 0.41
N ALA C 173 6.61 -1.89 -0.57
CA ALA C 173 7.14 -1.75 -1.93
C ALA C 173 6.08 -1.76 -3.02
N ALA C 174 6.38 -1.06 -4.10
CA ALA C 174 5.59 -1.07 -5.31
C ALA C 174 6.51 -1.36 -6.50
N ALA C 175 6.05 -2.20 -7.42
CA ALA C 175 6.82 -2.50 -8.63
C ALA C 175 5.93 -2.48 -9.88
N LEU C 176 6.46 -1.89 -10.95
CA LEU C 176 5.86 -1.97 -12.26
C LEU C 176 6.71 -2.84 -13.18
N VAL C 177 6.08 -3.82 -13.84
CA VAL C 177 6.75 -4.62 -14.85
C VAL C 177 5.95 -4.56 -16.15
N VAL C 178 6.54 -5.04 -17.23
CA VAL C 178 5.83 -5.20 -18.50
C VAL C 178 6.15 -6.58 -19.09
N ARG C 179 5.13 -7.22 -19.65
CA ARG C 179 5.26 -8.55 -20.23
C ARG C 179 5.65 -8.35 -21.69
N GLU C 180 6.88 -8.72 -22.03
CA GLU C 180 7.41 -8.46 -23.37
C GLU C 180 7.09 -9.57 -24.35
ZN ZN D . -14.13 -4.89 5.16
O3B CDP E . 10.21 -14.38 5.51
PB CDP E . 9.14 -14.22 6.57
O1B CDP E . 9.40 -15.08 7.80
O2B CDP E . 8.84 -12.77 6.86
O3A CDP E . 7.78 -14.82 5.93
PA CDP E . 6.38 -15.13 6.74
O1A CDP E . 6.72 -15.81 8.05
O2A CDP E . 5.53 -13.89 6.76
O5' CDP E . 5.64 -16.25 5.83
C5' CDP E . 5.51 -16.18 4.40
C4' CDP E . 4.96 -17.48 3.78
O4' CDP E . 4.07 -18.18 4.66
C3' CDP E . 4.17 -17.21 2.50
O3' CDP E . 4.43 -18.17 1.47
C2' CDP E . 2.72 -17.35 2.89
O2' CDP E . 1.92 -17.81 1.78
C1' CDP E . 2.75 -18.29 4.09
N1 CDP E . 1.71 -17.91 5.06
C2 CDP E . 0.56 -18.70 5.24
O2 CDP E . 0.40 -19.76 4.60
N3 CDP E . -0.39 -18.34 6.14
C4 CDP E . -0.28 -17.22 6.88
N4 CDP E . -1.24 -16.88 7.76
C5 CDP E . 0.84 -16.43 6.70
C6 CDP E . 1.83 -16.78 5.79
N1 CTP F . -15.59 6.23 6.34
C2 CTP F . -15.44 7.61 6.37
N3 CTP F . -14.62 8.19 7.31
C4 CTP F . -13.92 7.43 8.23
C5 CTP F . -14.09 6.05 8.22
C6 CTP F . -14.83 5.47 7.19
O2 CTP F . -16.03 8.32 5.56
N4 CTP F . -13.09 7.99 9.12
C1' CTP F . -16.57 5.60 5.40
C2' CTP F . -15.90 5.18 4.08
O2' CTP F . -16.76 5.45 2.99
C3' CTP F . -15.69 3.70 4.26
C4' CTP F . -16.94 3.35 5.04
O4' CTP F . -17.15 4.43 5.94
O3' CTP F . -15.47 2.95 3.06
C5' CTP F . -16.79 2.03 5.78
O5' CTP F . -15.68 2.10 6.66
PA CTP F . -15.22 0.72 7.33
O1A CTP F . -16.18 0.38 8.44
O2A CTP F . -13.81 0.84 7.84
O3A CTP F . -15.35 -0.37 6.11
PB CTP F . -15.41 -1.99 6.31
O1B CTP F . -14.90 -2.34 7.67
O2B CTP F . -14.66 -2.70 5.20
O3B CTP F . -16.98 -2.38 6.21
PG CTP F . -17.56 -3.84 6.61
O1G CTP F . -16.70 -4.92 5.99
O2G CTP F . -18.98 -3.99 6.09
O3G CTP F . -17.57 -4.02 8.12
ZN ZN G . 3.72 14.07 7.95
C1 GOL H . 0.63 -0.71 7.85
O1 GOL H . 0.53 0.70 7.80
C2 GOL H . -0.14 -1.22 9.07
O2 GOL H . -0.08 -2.63 9.15
C3 GOL H . -1.57 -0.71 8.96
O3 GOL H . -1.73 0.49 9.68
O3B CDP I . 7.58 14.88 8.28
PB CDP I . 7.04 13.74 9.12
O1B CDP I . 7.18 13.94 10.63
O2B CDP I . 5.66 13.28 8.72
O3A CDP I . 7.99 12.50 8.71
PA CDP I . 9.16 11.80 9.59
O1A CDP I . 9.69 12.74 10.66
O2A CDP I . 8.75 10.43 10.02
O5' CDP I . 10.28 11.66 8.45
C5' CDP I . 10.78 12.83 7.79
C4' CDP I . 12.00 12.49 6.96
O4' CDP I . 13.08 11.95 7.73
C3' CDP I . 11.76 11.44 5.89
O3' CDP I . 11.09 11.98 4.73
C2' CDP I . 13.18 10.94 5.60
O2' CDP I . 13.81 11.80 4.64
C1' CDP I . 13.89 11.06 6.93
N1 CDP I . 14.07 9.81 7.69
C2 CDP I . 15.30 9.13 7.72
O2 CDP I . 16.26 9.57 7.06
N3 CDP I . 15.48 8.00 8.46
C4 CDP I . 14.45 7.50 9.19
N4 CDP I . 14.60 6.38 9.93
C5 CDP I . 13.22 8.16 9.18
C6 CDP I . 13.06 9.31 8.43
ZN ZN J . 11.06 -11.04 5.60
#